data_3P8Y
#
_entry.id   3P8Y
#
_cell.length_a   58.110
_cell.length_b   61.280
_cell.length_c   156.450
_cell.angle_alpha   90.00
_cell.angle_beta   90.00
_cell.angle_gamma   90.00
#
_symmetry.space_group_name_H-M   'P 21 21 21'
#
loop_
_entity.id
_entity.type
_entity.pdbx_description
1 polymer 'AsnS-like asparaginyl-tRNA synthetase related protein'
2 non-polymer ASPARAGINE
3 water water
#
_entity_poly.entity_id   1
_entity_poly.type   'polypeptide(L)'
_entity_poly.pdbx_seq_one_letter_code
;MNAVEIISRDIYKAIDIQTKILDYMTKFFTDRGFKWLLPIMLSPITDPLWPDPAGEGIRPAEVDVYGVRMRLTHSMILHK
QLAIAMGLEKIFVLSPNIRLESRRKDDGRHSYEFTQLDFEIEGAKMKDVMRLIEELIYGLFRKAEEWTGREFPRARHFKV
YDYKDILEEFGSDEKASMEMEEPFWIVNIPREFYDREENGVWKNYDLILPYGYGEVSSGGEREWEYEKIVAKIRAAGLKE
DSFRPYLEIARAGKLKPSAGAGIGVERLVRFIVGAKHIAEVQPFPRVPGIPAVI
;
_entity_poly.pdbx_strand_id   A,B
#
# COMPACT_ATOMS: atom_id res chain seq x y z
N MET A 1 13.53 -19.59 -5.18
CA MET A 1 13.09 -20.31 -4.00
C MET A 1 11.64 -20.77 -4.09
N ASN A 2 11.40 -22.02 -3.70
CA ASN A 2 10.06 -22.58 -3.71
C ASN A 2 9.31 -22.27 -2.43
N ALA A 3 8.00 -22.48 -2.45
CA ALA A 3 7.09 -22.08 -1.36
C ALA A 3 7.62 -22.42 0.04
N VAL A 4 7.86 -23.70 0.30
CA VAL A 4 8.30 -24.12 1.63
C VAL A 4 9.67 -23.53 1.98
N GLU A 5 10.51 -23.36 0.97
CA GLU A 5 11.82 -22.75 1.15
C GLU A 5 11.68 -21.30 1.65
N ILE A 6 10.77 -20.57 1.03
CA ILE A 6 10.56 -19.16 1.34
C ILE A 6 10.09 -18.92 2.78
N ILE A 7 9.12 -19.71 3.24
CA ILE A 7 8.56 -19.50 4.58
C ILE A 7 9.44 -20.10 5.68
N SER A 8 10.50 -20.77 5.30
CA SER A 8 11.43 -21.38 6.26
C SER A 8 12.52 -20.41 6.72
N ARG A 9 12.69 -19.30 6.02
CA ARG A 9 13.74 -18.34 6.36
C ARG A 9 13.45 -17.66 7.69
N ASP A 10 14.50 -17.21 8.36
CA ASP A 10 14.37 -16.44 9.59
C ASP A 10 14.64 -14.97 9.31
N ILE A 11 13.57 -14.19 9.17
CA ILE A 11 13.70 -12.78 8.84
C ILE A 11 13.02 -11.95 9.92
N TYR A 12 12.79 -12.55 11.07
CA TYR A 12 12.23 -11.86 12.21
C TYR A 12 12.95 -10.55 12.52
N LYS A 13 14.29 -10.60 12.59
CA LYS A 13 15.05 -9.38 12.89
C LYS A 13 14.80 -8.28 11.87
N ALA A 14 14.88 -8.64 10.59
CA ALA A 14 14.65 -7.68 9.51
C ALA A 14 13.26 -7.05 9.59
N ILE A 15 12.25 -7.85 9.89
CA ILE A 15 10.89 -7.34 10.00
C ILE A 15 10.71 -6.44 11.24
N ASP A 16 11.40 -6.77 12.33
CA ASP A 16 11.40 -5.93 13.52
C ASP A 16 12.01 -4.54 13.25
N ILE A 17 13.14 -4.51 12.56
CA ILE A 17 13.74 -3.27 12.09
C ILE A 17 12.79 -2.48 11.19
N GLN A 18 12.15 -3.19 10.24
CA GLN A 18 11.25 -2.55 9.29
C GLN A 18 10.11 -1.88 10.04
N THR A 19 9.65 -2.52 11.11
CA THR A 19 8.54 -1.98 11.87
C THR A 19 8.96 -0.65 12.53
N LYS A 20 10.18 -0.62 13.07
CA LYS A 20 10.69 0.58 13.71
C LYS A 20 10.95 1.70 12.70
N ILE A 21 11.42 1.33 11.51
CA ILE A 21 11.65 2.30 10.45
C ILE A 21 10.33 2.94 9.99
N LEU A 22 9.32 2.10 9.76
CA LEU A 22 8.03 2.62 9.30
C LEU A 22 7.38 3.54 10.35
N ASP A 23 7.46 3.13 11.60
CA ASP A 23 6.99 3.98 12.69
C ASP A 23 7.73 5.33 12.71
N TYR A 24 9.05 5.30 12.59
CA TYR A 24 9.84 6.51 12.62
C TYR A 24 9.56 7.39 11.41
N MET A 25 9.49 6.80 10.21
CA MET A 25 9.33 7.61 9.00
C MET A 25 7.96 8.24 8.91
N THR A 26 6.91 7.47 9.25
CA THR A 26 5.56 8.02 9.19
C THR A 26 5.37 9.16 10.21
N LYS A 27 5.88 8.99 11.43
CA LYS A 27 5.81 10.04 12.45
C LYS A 27 6.59 11.28 12.03
N PHE A 28 7.74 11.08 11.38
CA PHE A 28 8.54 12.20 10.88
C PHE A 28 7.67 13.17 10.07
N PHE A 29 6.88 12.60 9.17
CA PHE A 29 6.08 13.41 8.28
C PHE A 29 4.81 13.94 8.97
N THR A 30 4.10 13.09 9.70
CA THR A 30 2.89 13.58 10.37
C THR A 30 3.22 14.68 11.42
N ASP A 31 4.36 14.56 12.09
CA ASP A 31 4.82 15.60 13.02
C ASP A 31 4.99 16.96 12.35
N ARG A 32 5.33 16.93 11.06
CA ARG A 32 5.57 18.14 10.29
C ARG A 32 4.37 18.59 9.47
N GLY A 33 3.20 18.06 9.81
CA GLY A 33 1.96 18.52 9.21
C GLY A 33 1.63 17.95 7.83
N PHE A 34 2.35 16.91 7.41
CA PHE A 34 1.99 16.21 6.16
C PHE A 34 0.69 15.42 6.30
N LYS A 35 -0.09 15.40 5.23
CA LYS A 35 -1.28 14.55 5.13
C LYS A 35 -0.87 13.18 4.62
N TRP A 36 -1.52 12.15 5.17
CA TRP A 36 -1.22 10.76 4.86
C TRP A 36 -2.27 10.20 3.90
N LEU A 37 -1.89 10.02 2.64
CA LEU A 37 -2.84 9.54 1.64
C LEU A 37 -2.68 8.04 1.47
N LEU A 38 -3.70 7.41 0.90
CA LEU A 38 -3.64 6.00 0.58
C LEU A 38 -3.22 5.82 -0.89
N PRO A 39 -2.67 4.66 -1.22
CA PRO A 39 -2.15 4.45 -2.58
C PRO A 39 -3.22 4.13 -3.63
N ILE A 40 -2.94 4.47 -4.88
CA ILE A 40 -3.71 3.90 -5.97
C ILE A 40 -2.83 2.91 -6.73
N MET A 41 -3.43 1.84 -7.23
CA MET A 41 -2.65 0.80 -7.92
C MET A 41 -3.00 0.70 -9.40
N LEU A 42 -4.15 1.23 -9.79
CA LEU A 42 -4.66 1.15 -11.16
C LEU A 42 -5.09 2.52 -11.64
N SER A 43 -4.63 2.93 -12.82
CA SER A 43 -5.00 4.23 -13.36
C SER A 43 -4.76 4.24 -14.87
N PRO A 44 -5.50 5.09 -15.59
CA PRO A 44 -5.20 5.25 -17.01
C PRO A 44 -3.77 5.77 -17.24
N ILE A 45 -3.22 6.51 -16.27
CA ILE A 45 -1.89 7.11 -16.43
C ILE A 45 -0.93 6.59 -15.36
N THR A 46 0.35 6.48 -15.70
CA THR A 46 1.39 6.23 -14.70
C THR A 46 2.74 6.79 -15.13
N ASP A 47 3.70 6.79 -14.21
CA ASP A 47 5.07 7.21 -14.47
C ASP A 47 5.65 6.43 -15.67
N PRO A 48 6.15 7.12 -16.70
CA PRO A 48 6.72 6.39 -17.85
C PRO A 48 8.06 5.73 -17.53
N LEU A 49 8.73 6.22 -16.48
CA LEU A 49 10.07 5.71 -16.12
C LEU A 49 11.04 5.84 -17.28
N TRP A 50 10.82 6.85 -18.11
CA TRP A 50 11.63 7.09 -19.29
C TRP A 50 11.35 8.50 -19.78
N PRO A 51 12.38 9.18 -20.30
CA PRO A 51 13.79 8.79 -20.25
C PRO A 51 14.28 8.66 -18.81
N ASP A 52 15.33 7.88 -18.57
CA ASP A 52 15.89 7.67 -17.24
C ASP A 52 17.14 6.82 -17.46
N PRO A 53 18.28 7.25 -16.89
CA PRO A 53 19.52 6.50 -17.13
C PRO A 53 19.48 5.25 -16.24
N ALA A 54 18.66 5.26 -15.20
CA ALA A 54 18.58 4.13 -14.28
C ALA A 54 17.68 3.02 -14.84
N GLY A 55 17.01 3.29 -15.94
CA GLY A 55 16.04 2.34 -16.46
C GLY A 55 16.38 1.78 -17.82
N GLU A 56 15.66 0.73 -18.24
CA GLU A 56 15.86 0.14 -19.56
C GLU A 56 14.66 0.41 -20.47
N GLY A 57 13.68 1.14 -19.95
CA GLY A 57 12.53 1.52 -20.74
C GLY A 57 11.38 0.54 -20.67
N ILE A 58 11.04 0.10 -19.46
CA ILE A 58 10.04 -0.94 -19.27
C ILE A 58 8.64 -0.41 -19.55
N ARG A 59 7.74 -1.30 -19.98
CA ARG A 59 6.34 -0.95 -20.16
C ARG A 59 5.54 -1.37 -18.94
N PRO A 60 4.57 -0.55 -18.53
CA PRO A 60 3.77 -0.85 -17.34
C PRO A 60 2.96 -2.13 -17.51
N ALA A 61 2.76 -2.87 -16.43
CA ALA A 61 1.82 -3.98 -16.44
C ALA A 61 0.45 -3.36 -16.66
N GLU A 62 -0.41 -4.01 -17.45
CA GLU A 62 -1.71 -3.45 -17.78
C GLU A 62 -2.81 -4.47 -17.51
N VAL A 63 -3.95 -4.00 -17.04
CA VAL A 63 -5.12 -4.86 -16.89
C VAL A 63 -6.38 -4.09 -17.26
N ASP A 64 -7.40 -4.79 -17.79
CA ASP A 64 -8.68 -4.15 -18.09
C ASP A 64 -9.59 -4.01 -16.86
N VAL A 65 -10.19 -2.84 -16.71
CA VAL A 65 -11.15 -2.59 -15.65
C VAL A 65 -12.43 -2.12 -16.31
N TYR A 66 -13.46 -2.97 -16.29
CA TYR A 66 -14.71 -2.70 -17.00
C TYR A 66 -14.49 -2.38 -18.48
N GLY A 67 -13.55 -3.09 -19.09
CA GLY A 67 -13.29 -2.95 -20.51
C GLY A 67 -12.24 -1.89 -20.82
N VAL A 68 -11.86 -1.13 -19.81
CA VAL A 68 -10.91 -0.04 -20.00
C VAL A 68 -9.48 -0.39 -19.52
N ARG A 69 -8.51 -0.19 -20.40
CA ARG A 69 -7.11 -0.45 -20.06
C ARG A 69 -6.60 0.43 -18.92
N MET A 70 -6.12 -0.19 -17.85
CA MET A 70 -5.50 0.53 -16.76
C MET A 70 -4.05 0.10 -16.64
N ARG A 71 -3.20 1.02 -16.20
CA ARG A 71 -1.81 0.68 -15.92
C ARG A 71 -1.59 0.46 -14.42
N LEU A 72 -0.84 -0.60 -14.08
CA LEU A 72 -0.40 -0.79 -12.70
C LEU A 72 0.64 0.25 -12.35
N THR A 73 0.61 0.74 -11.12
CA THR A 73 1.48 1.85 -10.74
C THR A 73 2.97 1.62 -10.88
N HIS A 74 3.61 2.35 -11.80
CA HIS A 74 5.07 2.42 -11.86
C HIS A 74 5.52 3.32 -10.71
N SER A 75 4.84 4.46 -10.58
CA SER A 75 4.98 5.30 -9.39
C SER A 75 3.80 6.26 -9.40
N MET A 76 3.50 6.84 -8.24
CA MET A 76 2.39 7.75 -8.09
C MET A 76 2.77 9.22 -8.32
N ILE A 77 3.88 9.44 -9.04
CA ILE A 77 4.36 10.81 -9.29
C ILE A 77 3.25 11.75 -9.79
N LEU A 78 2.53 11.36 -10.83
CA LEU A 78 1.52 12.23 -11.40
C LEU A 78 0.40 12.48 -10.41
N HIS A 79 0.05 11.46 -9.66
CA HIS A 79 -1.01 11.58 -8.64
C HIS A 79 -0.56 12.46 -7.48
N LYS A 80 0.73 12.46 -7.19
CA LYS A 80 1.26 13.34 -6.15
C LYS A 80 1.08 14.79 -6.59
N GLN A 81 1.32 15.06 -7.86
CA GLN A 81 1.16 16.40 -8.38
C GLN A 81 -0.32 16.78 -8.34
N LEU A 82 -1.19 15.82 -8.67
CA LEU A 82 -2.62 16.09 -8.62
C LEU A 82 -3.11 16.36 -7.19
N ALA A 83 -2.53 15.66 -6.21
CA ALA A 83 -2.84 15.89 -4.81
C ALA A 83 -2.50 17.34 -4.41
N ILE A 84 -1.36 17.83 -4.88
CA ILE A 84 -0.98 19.22 -4.64
C ILE A 84 -2.00 20.15 -5.33
N ALA A 85 -2.45 19.75 -6.52
CA ALA A 85 -3.46 20.54 -7.23
C ALA A 85 -4.79 20.62 -6.45
N MET A 86 -5.05 19.61 -5.64
CA MET A 86 -6.25 19.59 -4.81
C MET A 86 -6.07 20.40 -3.53
N GLY A 87 -4.92 21.06 -3.42
CA GLY A 87 -4.64 21.94 -2.29
C GLY A 87 -4.30 21.27 -0.98
N LEU A 88 -3.73 20.07 -1.03
CA LEU A 88 -3.39 19.37 0.22
C LEU A 88 -2.04 19.79 0.82
N GLU A 89 -1.26 20.57 0.06
CA GLU A 89 -0.05 21.29 0.54
C GLU A 89 1.21 20.46 0.80
N LYS A 90 1.08 19.45 1.67
CA LYS A 90 2.18 18.56 2.01
C LYS A 90 1.59 17.17 2.20
N ILE A 91 2.02 16.23 1.37
CA ILE A 91 1.43 14.90 1.36
C ILE A 91 2.48 13.82 1.34
N PHE A 92 2.15 12.66 1.88
CA PHE A 92 2.96 11.45 1.67
C PHE A 92 2.07 10.21 1.55
N VAL A 93 2.61 9.14 0.99
CA VAL A 93 1.86 7.90 0.86
C VAL A 93 2.85 6.75 0.87
N LEU A 94 2.49 5.65 1.54
CA LEU A 94 3.26 4.42 1.45
C LEU A 94 2.76 3.71 0.21
N SER A 95 3.46 3.95 -0.91
CA SER A 95 3.02 3.59 -2.24
C SER A 95 3.70 2.34 -2.79
N PRO A 96 2.93 1.26 -3.01
CA PRO A 96 3.55 0.12 -3.68
C PRO A 96 3.72 0.43 -5.16
N ASN A 97 4.81 -0.06 -5.74
CA ASN A 97 5.08 0.09 -7.15
C ASN A 97 5.27 -1.30 -7.77
N ILE A 98 4.90 -1.43 -9.03
CA ILE A 98 5.16 -2.66 -9.80
C ILE A 98 6.03 -2.23 -10.95
N ARG A 99 7.27 -2.71 -10.95
CA ARG A 99 8.19 -2.40 -12.05
C ARG A 99 8.82 -3.71 -12.53
N LEU A 100 8.38 -4.21 -13.67
CA LEU A 100 8.79 -5.54 -14.12
C LEU A 100 10.11 -5.46 -14.87
N GLU A 101 11.17 -5.08 -14.14
CA GLU A 101 12.49 -4.93 -14.76
C GLU A 101 13.15 -6.30 -15.09
N SER A 102 14.16 -6.26 -15.94
CA SER A 102 14.80 -7.49 -16.42
C SER A 102 15.74 -8.09 -15.39
N ARG A 103 16.24 -9.31 -15.69
CA ARG A 103 17.28 -9.93 -14.87
C ARG A 103 18.53 -9.07 -14.75
N ARG A 104 18.71 -8.16 -15.70
CA ARG A 104 19.91 -7.31 -15.71
C ARG A 104 19.91 -6.29 -14.58
N LYS A 105 18.76 -6.09 -13.95
CA LYS A 105 18.58 -5.17 -12.84
C LYS A 105 18.53 -5.89 -11.47
N ASP A 106 18.70 -7.21 -11.47
CA ASP A 106 18.81 -7.97 -10.22
C ASP A 106 20.20 -7.75 -9.61
N ASP A 107 20.38 -6.58 -9.01
CA ASP A 107 21.70 -6.16 -8.50
C ASP A 107 21.76 -6.17 -6.97
N GLY A 108 20.72 -6.69 -6.33
CA GLY A 108 20.65 -6.67 -4.87
C GLY A 108 19.79 -5.58 -4.26
N ARG A 109 19.49 -4.51 -5.02
CA ARG A 109 18.63 -3.47 -4.50
C ARG A 109 17.28 -3.34 -5.19
N HIS A 110 17.13 -3.97 -6.36
CA HIS A 110 15.86 -3.91 -7.07
C HIS A 110 14.93 -5.04 -6.70
N SER A 111 13.63 -4.75 -6.77
CA SER A 111 12.60 -5.72 -6.50
C SER A 111 11.47 -5.36 -7.46
N TYR A 112 10.78 -6.34 -8.03
CA TYR A 112 9.74 -5.97 -9.00
C TYR A 112 8.43 -5.52 -8.35
N GLU A 113 8.29 -5.78 -7.06
CA GLU A 113 7.30 -5.11 -6.23
C GLU A 113 8.01 -4.50 -5.02
N PHE A 114 7.70 -3.27 -4.71
CA PHE A 114 8.30 -2.58 -3.60
C PHE A 114 7.45 -1.35 -3.24
N THR A 115 7.74 -0.82 -2.07
CA THR A 115 7.12 0.36 -1.51
C THR A 115 8.06 1.55 -1.36
N GLN A 116 7.60 2.69 -1.85
CA GLN A 116 8.27 3.95 -1.69
C GLN A 116 7.45 4.78 -0.68
N LEU A 117 8.10 5.44 0.28
CA LEU A 117 7.44 6.47 1.03
C LEU A 117 7.61 7.68 0.10
N ASP A 118 6.49 8.09 -0.48
CA ASP A 118 6.53 9.05 -1.55
C ASP A 118 5.87 10.34 -1.05
N PHE A 119 6.58 11.43 -1.11
CA PHE A 119 6.03 12.68 -0.57
C PHE A 119 6.18 13.85 -1.55
N GLU A 120 5.37 14.89 -1.34
CA GLU A 120 5.40 16.06 -2.21
C GLU A 120 5.04 17.32 -1.39
N ILE A 121 5.66 18.44 -1.72
CA ILE A 121 5.50 19.69 -0.99
C ILE A 121 5.27 20.83 -1.96
N GLU A 122 4.13 21.49 -1.83
CA GLU A 122 3.80 22.64 -2.68
C GLU A 122 4.85 23.74 -2.48
N GLY A 123 5.36 24.29 -3.58
CA GLY A 123 6.29 25.40 -3.53
C GLY A 123 7.74 25.09 -3.16
N ALA A 124 8.04 23.86 -2.76
CA ALA A 124 9.40 23.55 -2.29
C ALA A 124 10.45 23.58 -3.40
N LYS A 125 11.69 23.86 -3.01
CA LYS A 125 12.83 23.85 -3.93
C LYS A 125 13.71 22.64 -3.67
N MET A 126 14.61 22.33 -4.60
CA MET A 126 15.42 21.13 -4.41
C MET A 126 16.21 21.14 -3.10
N LYS A 127 16.78 22.28 -2.75
CA LYS A 127 17.56 22.39 -1.51
C LYS A 127 16.69 22.08 -0.30
N ASP A 128 15.43 22.51 -0.32
CA ASP A 128 14.52 22.28 0.80
C ASP A 128 14.27 20.78 1.02
N VAL A 129 14.04 20.07 -0.07
CA VAL A 129 13.72 18.66 0.03
C VAL A 129 14.96 17.85 0.39
N MET A 130 16.08 18.21 -0.20
CA MET A 130 17.33 17.54 0.14
C MET A 130 17.60 17.70 1.63
N ARG A 131 17.41 18.91 2.14
CA ARG A 131 17.66 19.17 3.56
C ARG A 131 16.69 18.41 4.44
N LEU A 132 15.46 18.25 3.96
CA LEU A 132 14.48 17.52 4.75
C LEU A 132 14.84 16.03 4.82
N ILE A 133 15.25 15.47 3.68
CA ILE A 133 15.68 14.09 3.63
C ILE A 133 16.93 13.89 4.50
N GLU A 134 17.82 14.85 4.50
CA GLU A 134 19.02 14.72 5.36
C GLU A 134 18.62 14.61 6.83
N GLU A 135 17.71 15.48 7.26
CA GLU A 135 17.20 15.48 8.62
C GLU A 135 16.59 14.12 8.96
N LEU A 136 15.78 13.58 8.06
CA LEU A 136 15.13 12.30 8.26
C LEU A 136 16.15 11.17 8.38
N ILE A 137 17.08 11.14 7.42
CA ILE A 137 18.10 10.09 7.39
C ILE A 137 19.05 10.12 8.59
N TYR A 138 19.58 11.29 8.91
CA TYR A 138 20.44 11.45 10.08
C TYR A 138 19.74 10.96 11.34
N GLY A 139 18.48 11.36 11.53
CA GLY A 139 17.74 10.99 12.71
C GLY A 139 17.47 9.49 12.78
N LEU A 140 17.22 8.90 11.61
CA LEU A 140 16.97 7.46 11.50
C LEU A 140 18.22 6.67 11.84
N PHE A 141 19.37 7.13 11.33
CA PHE A 141 20.61 6.43 11.61
C PHE A 141 20.97 6.48 13.11
N ARG A 142 20.67 7.59 13.80
CA ARG A 142 20.91 7.65 15.24
C ARG A 142 20.01 6.66 15.97
N LYS A 143 18.76 6.56 15.55
CA LYS A 143 17.86 5.59 16.17
C LYS A 143 18.30 4.16 15.91
N ALA A 144 18.78 3.90 14.69
CA ALA A 144 19.22 2.56 14.29
C ALA A 144 20.39 2.06 15.13
N GLU A 145 21.26 2.99 15.52
CA GLU A 145 22.39 2.66 16.40
C GLU A 145 21.91 2.14 17.74
N GLU A 146 20.79 2.68 18.22
CA GLU A 146 20.15 2.20 19.44
C GLU A 146 19.46 0.85 19.22
N TRP A 147 18.79 0.70 18.09
CA TRP A 147 18.10 -0.55 17.80
C TRP A 147 19.07 -1.73 17.63
N THR A 148 20.19 -1.48 16.96
CA THR A 148 21.11 -2.56 16.59
C THR A 148 22.37 -2.64 17.44
N GLY A 149 22.80 -1.50 17.98
CA GLY A 149 24.05 -1.46 18.72
C GLY A 149 25.24 -1.40 17.78
N ARG A 150 24.96 -1.21 16.49
CA ARG A 150 26.02 -1.07 15.49
C ARG A 150 26.17 0.39 15.09
N GLU A 151 27.29 0.74 14.47
CA GLU A 151 27.55 2.11 14.07
C GLU A 151 27.00 2.38 12.67
N PHE A 152 26.46 3.59 12.47
CA PHE A 152 25.98 4.03 11.15
C PHE A 152 26.59 5.38 10.79
N PRO A 153 26.59 5.72 9.48
CA PRO A 153 27.20 6.97 9.05
C PRO A 153 26.68 8.14 9.89
N ARG A 154 27.56 9.03 10.34
CA ARG A 154 27.17 10.09 11.26
C ARG A 154 26.95 11.46 10.61
N ALA A 155 27.20 11.58 9.31
CA ALA A 155 27.07 12.87 8.64
C ALA A 155 25.67 13.48 8.82
N ARG A 156 25.64 14.76 9.13
CA ARG A 156 24.36 15.46 9.27
C ARG A 156 23.90 16.01 7.91
N HIS A 157 24.85 16.24 7.00
CA HIS A 157 24.55 16.66 5.63
C HIS A 157 25.47 15.90 4.69
N PHE A 158 25.08 15.80 3.43
CA PHE A 158 25.78 14.91 2.50
C PHE A 158 26.37 15.70 1.35
N LYS A 159 27.53 15.27 0.85
CA LYS A 159 28.17 15.94 -0.25
C LYS A 159 27.34 15.80 -1.51
N VAL A 160 27.49 16.75 -2.43
CA VAL A 160 26.65 16.84 -3.62
C VAL A 160 27.51 16.80 -4.89
N TYR A 161 27.20 15.88 -5.80
CA TYR A 161 27.93 15.71 -7.05
C TYR A 161 26.98 15.83 -8.24
N ASP A 162 27.41 16.51 -9.30
CA ASP A 162 26.64 16.53 -10.53
C ASP A 162 26.74 15.14 -11.19
N TYR A 163 25.62 14.68 -11.75
CA TYR A 163 25.60 13.44 -12.51
C TYR A 163 26.77 13.35 -13.49
N LYS A 164 26.96 14.40 -14.28
CA LYS A 164 28.00 14.40 -15.31
C LYS A 164 29.37 14.10 -14.69
N ASP A 165 29.61 14.68 -13.53
CA ASP A 165 30.90 14.51 -12.85
C ASP A 165 31.07 13.11 -12.26
N ILE A 166 29.98 12.52 -11.76
CA ILE A 166 30.03 11.16 -11.29
C ILE A 166 30.52 10.25 -12.40
N LEU A 167 29.92 10.41 -13.58
CA LEU A 167 30.30 9.62 -14.75
C LEU A 167 31.80 9.74 -15.04
N GLU A 168 32.30 10.96 -15.06
CA GLU A 168 33.71 11.20 -15.34
C GLU A 168 34.63 10.59 -14.29
N GLU A 169 34.31 10.81 -13.01
CA GLU A 169 35.18 10.37 -11.93
C GLU A 169 35.09 8.86 -11.64
N PHE A 170 33.88 8.32 -11.60
CA PHE A 170 33.69 6.94 -11.15
C PHE A 170 33.19 6.01 -12.26
N GLY A 171 32.63 6.59 -13.32
CA GLY A 171 32.08 5.80 -14.41
C GLY A 171 30.60 5.54 -14.25
N SER A 172 30.14 5.33 -13.01
CA SER A 172 28.73 5.07 -12.76
C SER A 172 28.37 5.35 -11.32
N ASP A 173 27.09 5.48 -11.04
CA ASP A 173 26.60 5.64 -9.68
C ASP A 173 26.91 4.41 -8.83
N GLU A 174 26.84 3.23 -9.45
CA GLU A 174 27.18 1.99 -8.76
C GLU A 174 28.63 2.01 -8.28
N LYS A 175 29.53 2.45 -9.16
CA LYS A 175 30.95 2.47 -8.77
C LYS A 175 31.18 3.56 -7.73
N ALA A 176 30.47 4.68 -7.84
CA ALA A 176 30.58 5.73 -6.84
C ALA A 176 30.14 5.23 -5.47
N SER A 177 29.02 4.52 -5.43
CA SER A 177 28.50 3.97 -4.18
C SER A 177 29.55 3.07 -3.50
N MET A 178 30.26 2.27 -4.29
CA MET A 178 31.25 1.35 -3.71
C MET A 178 32.47 2.05 -3.10
N GLU A 179 32.74 3.27 -3.54
CA GLU A 179 33.90 4.00 -3.05
C GLU A 179 33.59 4.89 -1.85
N MET A 180 32.32 5.23 -1.66
CA MET A 180 31.95 6.18 -0.59
C MET A 180 31.67 5.49 0.73
N GLU A 181 31.83 6.24 1.82
CA GLU A 181 31.62 5.70 3.16
C GLU A 181 30.53 6.46 3.91
N GLU A 182 29.97 7.47 3.27
CA GLU A 182 28.75 8.07 3.77
C GLU A 182 27.80 8.28 2.61
N PRO A 183 26.52 8.52 2.91
CA PRO A 183 25.56 8.80 1.85
C PRO A 183 25.99 10.05 1.09
N PHE A 184 25.58 10.14 -0.17
CA PHE A 184 25.89 11.32 -0.97
C PHE A 184 24.79 11.58 -2.00
N TRP A 185 24.76 12.80 -2.53
CA TRP A 185 23.73 13.19 -3.48
C TRP A 185 24.29 13.20 -4.90
N ILE A 186 23.50 12.69 -5.84
CA ILE A 186 23.78 12.92 -7.26
C ILE A 186 22.63 13.78 -7.80
N VAL A 187 22.98 14.93 -8.37
CA VAL A 187 21.98 15.88 -8.86
C VAL A 187 22.11 16.15 -10.36
N ASN A 188 21.06 16.73 -10.96
CA ASN A 188 21.12 17.19 -12.36
C ASN A 188 21.23 16.00 -13.33
N ILE A 189 20.19 15.16 -13.30
CA ILE A 189 20.14 13.96 -14.12
C ILE A 189 19.03 14.09 -15.18
N PRO A 190 19.38 14.13 -16.48
CA PRO A 190 18.25 14.26 -17.41
C PRO A 190 17.40 13.01 -17.39
N ARG A 191 16.12 13.16 -17.09
CA ARG A 191 15.23 12.01 -17.07
C ARG A 191 13.77 12.38 -17.42
N GLU A 192 12.83 11.98 -16.57
CA GLU A 192 11.39 12.04 -16.94
C GLU A 192 10.83 13.46 -17.09
N PHE A 193 9.71 13.60 -17.83
CA PHE A 193 9.19 14.92 -18.17
C PHE A 193 8.82 15.73 -16.93
N TYR A 194 8.45 15.05 -15.86
CA TYR A 194 7.94 15.73 -14.69
C TYR A 194 9.00 16.42 -13.85
N ASP A 195 10.28 16.05 -14.01
CA ASP A 195 11.32 16.73 -13.24
C ASP A 195 11.59 18.08 -13.89
N ARG A 196 11.68 19.12 -13.07
CA ARG A 196 11.92 20.47 -13.57
C ARG A 196 13.27 20.63 -14.28
N GLU A 197 13.24 21.14 -15.50
CA GLU A 197 14.46 21.45 -16.25
C GLU A 197 14.48 22.94 -16.59
N GLU A 198 15.62 23.59 -16.40
CA GLU A 198 15.73 25.03 -16.69
C GLU A 198 17.05 25.32 -17.36
N ASN A 199 17.00 25.75 -18.61
CA ASN A 199 18.24 26.11 -19.30
C ASN A 199 19.30 25.01 -19.24
N GLY A 200 18.86 23.76 -19.37
CA GLY A 200 19.76 22.63 -19.44
C GLY A 200 20.12 22.06 -18.09
N VAL A 201 19.56 22.62 -17.03
CA VAL A 201 19.85 22.14 -15.68
C VAL A 201 18.63 21.47 -15.10
N TRP A 202 18.80 20.24 -14.61
CA TRP A 202 17.71 19.47 -14.04
C TRP A 202 17.72 19.63 -12.53
N LYS A 203 16.57 20.00 -11.98
CA LYS A 203 16.48 20.32 -10.55
C LYS A 203 16.05 19.07 -9.79
N ASN A 204 16.88 18.03 -9.87
CA ASN A 204 16.53 16.78 -9.25
C ASN A 204 17.70 16.18 -8.48
N TYR A 205 17.44 15.11 -7.73
CA TYR A 205 18.41 14.60 -6.77
C TYR A 205 18.16 13.13 -6.47
N ASP A 206 19.23 12.33 -6.41
CA ASP A 206 19.17 10.95 -5.92
C ASP A 206 20.06 10.86 -4.69
N LEU A 207 19.57 10.24 -3.62
CA LEU A 207 20.41 9.95 -2.47
C LEU A 207 20.98 8.54 -2.64
N ILE A 208 22.30 8.44 -2.59
CA ILE A 208 22.98 7.17 -2.78
C ILE A 208 23.57 6.72 -1.45
N LEU A 209 23.35 5.45 -1.09
CA LEU A 209 23.92 4.89 0.12
C LEU A 209 25.36 4.48 -0.13
N PRO A 210 26.20 4.44 0.93
CA PRO A 210 27.61 4.05 0.76
C PRO A 210 27.85 2.54 0.74
N TYR A 211 29.11 2.12 0.60
CA TYR A 211 29.46 0.70 0.69
C TYR A 211 28.76 -0.17 -0.37
N GLY A 212 28.37 0.46 -1.47
CA GLY A 212 27.84 -0.26 -2.61
C GLY A 212 26.36 -0.53 -2.54
N TYR A 213 25.68 -0.02 -1.51
CA TYR A 213 24.25 -0.27 -1.39
C TYR A 213 23.38 0.47 -2.41
N GLY A 214 23.93 1.50 -3.06
CA GLY A 214 23.23 2.18 -4.13
C GLY A 214 22.11 3.14 -3.73
N GLU A 215 21.35 3.58 -4.74
CA GLU A 215 20.31 4.61 -4.56
C GLU A 215 19.20 4.18 -3.60
N VAL A 216 18.77 5.12 -2.76
CA VAL A 216 17.73 4.83 -1.78
C VAL A 216 16.57 5.84 -1.91
N SER A 217 16.83 6.98 -2.55
CA SER A 217 15.77 7.97 -2.75
C SER A 217 16.01 8.75 -4.02
N SER A 218 14.93 9.11 -4.73
CA SER A 218 15.02 9.96 -5.93
C SER A 218 13.90 10.99 -5.89
N GLY A 219 14.16 12.19 -6.36
CA GLY A 219 13.18 13.25 -6.29
C GLY A 219 13.54 14.42 -7.19
N GLY A 220 12.67 15.41 -7.25
CA GLY A 220 12.99 16.65 -7.94
C GLY A 220 11.95 17.73 -7.72
N GLU A 221 12.28 18.97 -8.07
CA GLU A 221 11.25 19.99 -8.33
C GLU A 221 10.51 19.53 -9.57
N ARG A 222 9.29 20.05 -9.80
CA ARG A 222 8.49 19.56 -10.92
C ARG A 222 8.20 20.60 -12.00
N GLU A 223 7.90 20.12 -13.21
CA GLU A 223 7.31 20.98 -14.22
C GLU A 223 5.84 21.14 -13.89
N TRP A 224 5.28 22.31 -14.22
CA TRP A 224 3.83 22.52 -14.02
C TRP A 224 3.16 23.18 -15.22
N GLU A 225 3.94 23.61 -16.19
CA GLU A 225 3.39 24.35 -17.33
C GLU A 225 3.07 23.42 -18.49
N TYR A 226 1.84 23.49 -18.98
CA TYR A 226 1.37 22.63 -20.08
C TYR A 226 2.33 22.56 -21.28
N GLU A 227 2.68 23.71 -21.84
CA GLU A 227 3.50 23.74 -23.06
C GLU A 227 4.87 23.07 -22.86
N LYS A 228 5.49 23.30 -21.71
CA LYS A 228 6.80 22.74 -21.39
C LYS A 228 6.70 21.23 -21.25
N ILE A 229 5.66 20.80 -20.55
CA ILE A 229 5.41 19.38 -20.32
C ILE A 229 5.20 18.63 -21.63
N VAL A 230 4.26 19.09 -22.45
CA VAL A 230 4.02 18.46 -23.74
C VAL A 230 5.27 18.38 -24.62
N ALA A 231 6.04 19.47 -24.66
CA ALA A 231 7.25 19.48 -25.48
C ALA A 231 8.20 18.37 -25.03
N LYS A 232 8.30 18.17 -23.72
CA LYS A 232 9.25 17.18 -23.20
C LYS A 232 8.79 15.75 -23.51
N ILE A 233 7.50 15.51 -23.38
CA ILE A 233 6.91 14.22 -23.72
C ILE A 233 7.16 13.92 -25.20
N ARG A 234 6.89 14.89 -26.06
CA ARG A 234 7.08 14.71 -27.49
C ARG A 234 8.56 14.49 -27.89
N ALA A 235 9.46 15.23 -27.26
CA ALA A 235 10.89 15.11 -27.57
C ALA A 235 11.41 13.73 -27.24
N ALA A 236 10.86 13.12 -26.18
CA ALA A 236 11.27 11.79 -25.75
C ALA A 236 10.62 10.66 -26.55
N GLY A 237 9.78 11.01 -27.51
CA GLY A 237 9.13 10.00 -28.33
C GLY A 237 7.98 9.33 -27.61
N LEU A 238 7.56 9.91 -26.48
CA LEU A 238 6.42 9.38 -25.72
C LEU A 238 5.16 9.97 -26.36
N LYS A 239 4.00 9.52 -25.91
CA LYS A 239 2.75 9.91 -26.54
C LYS A 239 1.90 10.70 -25.56
N GLU A 240 1.40 11.86 -25.99
CA GLU A 240 0.47 12.63 -25.17
C GLU A 240 -0.72 11.79 -24.76
N ASP A 241 -1.15 10.91 -25.67
CA ASP A 241 -2.31 10.03 -25.40
C ASP A 241 -2.15 9.23 -24.11
N SER A 242 -0.90 8.94 -23.71
CA SER A 242 -0.63 8.14 -22.51
C SER A 242 -0.85 8.92 -21.22
N PHE A 243 -1.08 10.23 -21.34
CA PHE A 243 -1.18 11.11 -20.17
C PHE A 243 -2.39 12.04 -20.25
N ARG A 244 -3.40 11.63 -21.02
CA ARG A 244 -4.47 12.55 -21.39
C ARG A 244 -5.15 13.31 -20.23
N PRO A 245 -5.61 12.59 -19.18
CA PRO A 245 -6.31 13.32 -18.11
C PRO A 245 -5.39 14.25 -17.33
N TYR A 246 -4.14 13.84 -17.15
CA TYR A 246 -3.15 14.70 -16.52
C TYR A 246 -2.87 15.94 -17.35
N LEU A 247 -2.80 15.77 -18.67
CA LEU A 247 -2.52 16.91 -19.55
C LEU A 247 -3.74 17.84 -19.65
N GLU A 248 -4.94 17.31 -19.44
CA GLU A 248 -6.12 18.17 -19.38
C GLU A 248 -6.04 19.12 -18.18
N ILE A 249 -5.58 18.58 -17.06
CA ILE A 249 -5.42 19.36 -15.83
C ILE A 249 -4.29 20.39 -16.01
N ALA A 250 -3.20 19.98 -16.64
CA ALA A 250 -2.10 20.92 -16.89
C ALA A 250 -2.53 22.03 -17.84
N ARG A 251 -3.32 21.67 -18.86
CA ARG A 251 -3.78 22.65 -19.83
C ARG A 251 -4.68 23.66 -19.16
N ALA A 252 -5.43 23.19 -18.16
CA ALA A 252 -6.35 24.04 -17.41
C ALA A 252 -5.61 25.02 -16.49
N GLY A 253 -4.30 24.84 -16.36
CA GLY A 253 -3.47 25.70 -15.53
C GLY A 253 -3.48 25.32 -14.07
N LYS A 254 -3.89 24.09 -13.79
CA LYS A 254 -4.11 23.68 -12.39
C LYS A 254 -2.97 22.95 -11.69
N LEU A 255 -1.89 22.63 -12.40
CA LEU A 255 -0.71 22.11 -11.71
C LEU A 255 0.02 23.28 -11.04
N LYS A 256 0.61 23.04 -9.86
CA LYS A 256 1.33 24.09 -9.13
C LYS A 256 2.80 23.70 -8.95
N PRO A 257 3.71 24.70 -8.87
CA PRO A 257 5.09 24.28 -8.57
C PRO A 257 5.17 23.48 -7.27
N SER A 258 6.00 22.45 -7.27
CA SER A 258 6.19 21.63 -6.08
C SER A 258 7.51 20.89 -6.20
N ALA A 259 7.87 20.17 -5.15
CA ALA A 259 9.04 19.31 -5.18
C ALA A 259 8.80 18.17 -4.19
N GLY A 260 9.43 17.03 -4.46
CA GLY A 260 9.27 15.89 -3.58
C GLY A 260 10.27 14.80 -3.85
N ALA A 261 10.00 13.61 -3.33
CA ALA A 261 10.93 12.50 -3.46
C ALA A 261 10.19 11.23 -3.08
N GLY A 262 10.76 10.09 -3.43
CA GLY A 262 10.31 8.82 -2.88
C GLY A 262 11.49 8.18 -2.20
N ILE A 263 11.25 7.41 -1.14
CA ILE A 263 12.33 6.76 -0.40
C ILE A 263 12.02 5.27 -0.33
N GLY A 264 12.95 4.44 -0.78
CA GLY A 264 12.71 3.01 -0.81
C GLY A 264 12.76 2.40 0.58
N VAL A 265 11.61 1.97 1.08
CA VAL A 265 11.55 1.45 2.45
C VAL A 265 12.37 0.18 2.59
N GLU A 266 12.11 -0.81 1.74
CA GLU A 266 12.86 -2.07 1.80
C GLU A 266 14.37 -1.87 1.60
N ARG A 267 14.73 -0.92 0.75
CA ARG A 267 16.14 -0.61 0.55
C ARG A 267 16.79 -0.09 1.84
N LEU A 268 16.03 0.68 2.63
CA LEU A 268 16.54 1.17 3.92
C LEU A 268 16.63 0.03 4.93
N VAL A 269 15.63 -0.85 4.93
CA VAL A 269 15.66 -2.01 5.81
C VAL A 269 16.95 -2.81 5.53
N ARG A 270 17.21 -3.04 4.24
CA ARG A 270 18.39 -3.79 3.80
C ARG A 270 19.68 -3.16 4.29
N PHE A 271 19.74 -1.83 4.25
CA PHE A 271 20.94 -1.13 4.67
C PHE A 271 21.17 -1.27 6.18
N ILE A 272 20.10 -1.07 6.96
CA ILE A 272 20.23 -1.14 8.41
C ILE A 272 20.49 -2.56 8.92
N VAL A 273 19.91 -3.55 8.24
CA VAL A 273 20.15 -4.95 8.57
C VAL A 273 21.51 -5.48 8.04
N GLY A 274 22.04 -4.85 7.00
CA GLY A 274 23.30 -5.29 6.42
C GLY A 274 23.12 -6.46 5.46
N ALA A 275 21.96 -6.52 4.81
CA ALA A 275 21.64 -7.65 3.95
C ALA A 275 22.26 -7.55 2.56
N LYS A 276 22.85 -8.64 2.08
CA LYS A 276 23.52 -8.63 0.79
C LYS A 276 22.53 -8.41 -0.35
N HIS A 277 21.36 -9.03 -0.23
CA HIS A 277 20.32 -8.94 -1.25
C HIS A 277 19.00 -8.54 -0.61
N ILE A 278 18.28 -7.62 -1.26
CA ILE A 278 17.05 -7.09 -0.69
C ILE A 278 16.03 -8.21 -0.40
N ALA A 279 16.16 -9.33 -1.11
CA ALA A 279 15.23 -10.43 -0.95
C ALA A 279 15.28 -10.97 0.48
N GLU A 280 16.43 -10.83 1.12
CA GLU A 280 16.61 -11.34 2.47
C GLU A 280 15.71 -10.65 3.49
N VAL A 281 15.21 -9.45 3.17
CA VAL A 281 14.40 -8.70 4.13
C VAL A 281 12.92 -8.68 3.78
N GLN A 282 12.57 -9.40 2.71
CA GLN A 282 11.19 -9.45 2.25
C GLN A 282 10.59 -10.84 2.49
N PRO A 283 9.45 -10.89 3.19
CA PRO A 283 8.74 -12.15 3.44
C PRO A 283 8.40 -12.87 2.13
N PHE A 284 8.00 -12.12 1.11
CA PHE A 284 7.67 -12.71 -0.20
C PHE A 284 8.53 -12.04 -1.29
N PRO A 285 9.72 -12.61 -1.57
CA PRO A 285 10.66 -12.03 -2.52
C PRO A 285 10.06 -11.80 -3.90
N ARG A 286 10.51 -10.73 -4.53
CA ARG A 286 10.08 -10.34 -5.87
C ARG A 286 11.33 -9.99 -6.69
N VAL A 287 12.08 -11.01 -7.09
CA VAL A 287 13.38 -10.79 -7.71
C VAL A 287 13.24 -10.44 -9.20
N PRO A 288 13.84 -9.32 -9.62
CA PRO A 288 13.71 -8.90 -11.02
C PRO A 288 13.95 -10.05 -11.99
N GLY A 289 12.98 -10.29 -12.87
CA GLY A 289 13.14 -11.30 -13.91
C GLY A 289 12.72 -12.70 -13.50
N ILE A 290 12.39 -12.89 -12.23
CA ILE A 290 11.98 -14.21 -11.73
C ILE A 290 10.60 -14.17 -11.08
N PRO A 291 9.60 -14.75 -11.76
CA PRO A 291 8.22 -14.74 -11.27
C PRO A 291 8.15 -15.45 -9.93
N ALA A 292 7.63 -14.77 -8.92
CA ALA A 292 7.56 -15.31 -7.57
C ALA A 292 6.56 -16.45 -7.49
N VAL A 293 6.85 -17.47 -6.67
CA VAL A 293 5.93 -18.60 -6.53
C VAL A 293 4.80 -18.29 -5.55
N ILE A 294 5.06 -17.38 -4.62
CA ILE A 294 4.02 -16.84 -3.73
C ILE A 294 4.23 -15.33 -3.59
N MET B 1 -17.85 12.79 -14.23
CA MET B 1 -16.87 13.73 -13.69
C MET B 1 -15.52 13.55 -14.41
N ASN B 2 -15.13 14.57 -15.18
CA ASN B 2 -13.86 14.54 -15.90
C ASN B 2 -12.69 14.79 -14.95
N ALA B 3 -11.47 14.78 -15.47
CA ALA B 3 -10.28 14.90 -14.62
C ALA B 3 -10.25 16.22 -13.85
N VAL B 4 -10.51 17.33 -14.53
CA VAL B 4 -10.52 18.65 -13.88
C VAL B 4 -11.55 18.74 -12.76
N GLU B 5 -12.74 18.18 -12.99
CA GLU B 5 -13.78 18.18 -11.97
C GLU B 5 -13.37 17.34 -10.76
N ILE B 6 -12.71 16.20 -11.00
CA ILE B 6 -12.24 15.37 -9.89
C ILE B 6 -11.29 16.13 -8.96
N ILE B 7 -10.36 16.89 -9.53
CA ILE B 7 -9.37 17.56 -8.68
C ILE B 7 -9.83 18.94 -8.19
N SER B 8 -11.05 19.34 -8.57
CA SER B 8 -11.63 20.60 -8.13
C SER B 8 -12.53 20.43 -6.91
N ARG B 9 -12.73 19.19 -6.48
CA ARG B 9 -13.50 18.90 -5.27
C ARG B 9 -12.71 19.34 -4.04
N ASP B 10 -13.43 19.65 -2.96
CA ASP B 10 -12.82 19.93 -1.66
C ASP B 10 -12.74 18.65 -0.83
N ILE B 11 -11.54 18.33 -0.35
CA ILE B 11 -11.36 17.07 0.35
C ILE B 11 -10.40 17.24 1.55
N TYR B 12 -10.03 18.47 1.85
CA TYR B 12 -9.00 18.73 2.83
C TYR B 12 -9.33 18.12 4.20
N LYS B 13 -10.51 18.41 4.71
CA LYS B 13 -10.92 17.93 6.02
C LYS B 13 -10.95 16.40 6.10
N ALA B 14 -11.47 15.76 5.07
CA ALA B 14 -11.51 14.30 5.04
C ALA B 14 -10.11 13.73 5.13
N ILE B 15 -9.18 14.34 4.40
CA ILE B 15 -7.80 13.84 4.40
C ILE B 15 -7.11 14.17 5.73
N ASP B 16 -7.49 15.31 6.32
CA ASP B 16 -7.01 15.66 7.65
C ASP B 16 -7.44 14.57 8.63
N ILE B 17 -8.71 14.19 8.58
CA ILE B 17 -9.25 13.14 9.46
C ILE B 17 -8.58 11.80 9.16
N GLN B 18 -8.40 11.48 7.88
CA GLN B 18 -7.79 10.21 7.50
C GLN B 18 -6.39 10.11 8.06
N THR B 19 -5.68 11.23 8.06
CA THR B 19 -4.30 11.26 8.57
C THR B 19 -4.28 10.91 10.06
N LYS B 20 -5.22 11.49 10.79
CA LYS B 20 -5.33 11.22 12.22
C LYS B 20 -5.76 9.77 12.48
N ILE B 21 -6.64 9.24 11.62
CA ILE B 21 -7.08 7.87 11.77
C ILE B 21 -5.92 6.89 11.54
N LEU B 22 -5.13 7.13 10.49
CA LEU B 22 -3.99 6.26 10.18
C LEU B 22 -2.92 6.32 11.27
N ASP B 23 -2.65 7.51 11.76
CA ASP B 23 -1.72 7.68 12.87
C ASP B 23 -2.20 6.85 14.06
N TYR B 24 -3.48 6.96 14.37
CA TYR B 24 -4.03 6.27 15.53
C TYR B 24 -4.00 4.75 15.38
N MET B 25 -4.43 4.24 14.23
CA MET B 25 -4.52 2.79 14.06
C MET B 25 -3.16 2.11 13.93
N THR B 26 -2.23 2.75 13.21
CA THR B 26 -0.89 2.15 13.11
C THR B 26 -0.21 2.07 14.48
N LYS B 27 -0.31 3.13 15.28
CA LYS B 27 0.25 3.12 16.62
C LYS B 27 -0.45 2.11 17.54
N PHE B 28 -1.77 1.99 17.40
CA PHE B 28 -2.52 0.98 18.15
C PHE B 28 -1.87 -0.40 18.01
N PHE B 29 -1.50 -0.76 16.78
CA PHE B 29 -0.94 -2.08 16.54
C PHE B 29 0.54 -2.20 16.91
N THR B 30 1.35 -1.20 16.58
CA THR B 30 2.78 -1.25 16.95
C THR B 30 2.95 -1.23 18.48
N ASP B 31 2.06 -0.52 19.18
CA ASP B 31 2.09 -0.47 20.65
C ASP B 31 1.85 -1.84 21.26
N ARG B 32 1.14 -2.68 20.52
CA ARG B 32 0.81 -4.01 21.00
C ARG B 32 1.77 -5.06 20.46
N GLY B 33 2.90 -4.61 19.94
CA GLY B 33 3.95 -5.52 19.49
C GLY B 33 3.71 -6.21 18.15
N PHE B 34 2.81 -5.67 17.36
CA PHE B 34 2.57 -6.17 16.00
C PHE B 34 3.73 -5.75 15.10
N LYS B 35 4.11 -6.63 14.18
CA LYS B 35 5.08 -6.30 13.14
C LYS B 35 4.33 -5.66 11.98
N TRP B 36 4.95 -4.65 11.38
CA TRP B 36 4.32 -3.87 10.32
C TRP B 36 4.89 -4.34 8.99
N LEU B 37 4.10 -5.09 8.22
CA LEU B 37 4.55 -5.64 6.94
C LEU B 37 4.13 -4.72 5.80
N LEU B 38 4.75 -4.91 4.64
CA LEU B 38 4.38 -4.18 3.43
C LEU B 38 3.53 -5.08 2.52
N PRO B 39 2.66 -4.46 1.71
CA PRO B 39 1.72 -5.29 0.94
C PRO B 39 2.33 -5.93 -0.31
N ILE B 40 1.65 -6.94 -0.84
CA ILE B 40 1.97 -7.42 -2.17
C ILE B 40 0.72 -7.29 -3.04
N MET B 41 0.93 -7.03 -4.32
CA MET B 41 -0.16 -6.75 -5.24
C MET B 41 -0.31 -7.81 -6.31
N LEU B 42 0.77 -8.57 -6.56
CA LEU B 42 0.72 -9.64 -7.55
C LEU B 42 1.23 -10.96 -6.98
N SER B 43 0.48 -12.03 -7.19
CA SER B 43 0.86 -13.35 -6.69
C SER B 43 0.11 -14.44 -7.47
N PRO B 44 0.68 -15.66 -7.53
CA PRO B 44 -0.04 -16.79 -8.12
C PRO B 44 -1.31 -17.12 -7.35
N ILE B 45 -1.37 -16.72 -6.07
CA ILE B 45 -2.52 -17.01 -5.21
C ILE B 45 -3.15 -15.77 -4.61
N THR B 46 -4.47 -15.79 -4.45
CA THR B 46 -5.14 -14.69 -3.77
C THR B 46 -6.50 -15.13 -3.21
N ASP B 47 -7.05 -14.30 -2.35
CA ASP B 47 -8.37 -14.54 -1.77
C ASP B 47 -9.40 -14.78 -2.88
N PRO B 48 -10.13 -15.90 -2.83
CA PRO B 48 -11.12 -16.19 -3.85
C PRO B 48 -12.37 -15.33 -3.67
N LEU B 49 -12.61 -14.87 -2.45
CA LEU B 49 -13.79 -14.06 -2.14
C LEU B 49 -15.08 -14.81 -2.48
N TRP B 50 -15.02 -16.13 -2.37
CA TRP B 50 -16.13 -17.01 -2.71
C TRP B 50 -15.90 -18.36 -2.07
N PRO B 51 -16.97 -19.01 -1.56
CA PRO B 51 -18.33 -18.49 -1.41
C PRO B 51 -18.37 -17.36 -0.38
N ASP B 52 -19.42 -16.52 -0.45
CA ASP B 52 -19.53 -15.35 0.43
C ASP B 52 -20.89 -14.69 0.18
N PRO B 53 -21.64 -14.41 1.25
CA PRO B 53 -22.95 -13.79 1.07
C PRO B 53 -22.83 -12.38 0.50
N ALA B 54 -21.68 -11.74 0.72
CA ALA B 54 -21.49 -10.34 0.36
C ALA B 54 -20.77 -10.14 -0.97
N GLY B 55 -20.59 -11.22 -1.72
CA GLY B 55 -19.87 -11.16 -2.99
C GLY B 55 -20.70 -11.55 -4.20
N GLU B 56 -20.12 -11.39 -5.38
CA GLU B 56 -20.78 -11.71 -6.64
C GLU B 56 -20.10 -12.89 -7.35
N GLY B 57 -19.05 -13.41 -6.73
CA GLY B 57 -18.31 -14.51 -7.32
C GLY B 57 -17.43 -14.07 -8.49
N ILE B 58 -16.85 -12.89 -8.36
CA ILE B 58 -15.94 -12.37 -9.38
C ILE B 58 -14.60 -13.10 -9.32
N ARG B 59 -13.93 -13.17 -10.47
CA ARG B 59 -12.60 -13.74 -10.54
C ARG B 59 -11.61 -12.61 -10.49
N PRO B 60 -10.46 -12.82 -9.84
CA PRO B 60 -9.49 -11.72 -9.76
C PRO B 60 -8.92 -11.38 -11.13
N ALA B 61 -8.60 -10.12 -11.35
CA ALA B 61 -7.93 -9.71 -12.58
C ALA B 61 -6.51 -10.29 -12.57
N GLU B 62 -6.01 -10.58 -13.78
CA GLU B 62 -4.73 -11.24 -13.94
C GLU B 62 -3.81 -10.44 -14.85
N VAL B 63 -2.50 -10.62 -14.66
CA VAL B 63 -1.51 -9.97 -15.50
C VAL B 63 -0.33 -10.92 -15.72
N ASP B 64 0.26 -10.87 -16.90
CA ASP B 64 1.41 -11.72 -17.19
C ASP B 64 2.67 -11.13 -16.55
N VAL B 65 3.35 -11.92 -15.73
CA VAL B 65 4.60 -11.48 -15.12
C VAL B 65 5.73 -12.44 -15.49
N TYR B 66 6.57 -12.01 -16.41
CA TYR B 66 7.66 -12.85 -16.93
C TYR B 66 7.13 -14.20 -17.44
N GLY B 67 5.95 -14.18 -18.07
CA GLY B 67 5.41 -15.38 -18.68
C GLY B 67 4.53 -16.23 -17.76
N VAL B 68 4.37 -15.77 -16.52
CA VAL B 68 3.52 -16.46 -15.56
C VAL B 68 2.29 -15.60 -15.24
N ARG B 69 1.12 -16.24 -15.24
CA ARG B 69 -0.14 -15.58 -14.91
C ARG B 69 -0.24 -15.26 -13.40
N MET B 70 -0.23 -13.98 -13.07
CA MET B 70 -0.31 -13.54 -11.67
C MET B 70 -1.69 -12.94 -11.43
N ARG B 71 -2.23 -13.14 -10.23
CA ARG B 71 -3.49 -12.52 -9.84
C ARG B 71 -3.26 -11.24 -9.06
N LEU B 72 -4.06 -10.22 -9.33
CA LEU B 72 -4.05 -8.99 -8.55
C LEU B 72 -4.76 -9.23 -7.24
N THR B 73 -4.29 -8.59 -6.18
CA THR B 73 -4.72 -8.89 -4.82
C THR B 73 -6.20 -8.60 -4.54
N HIS B 74 -6.97 -9.67 -4.33
CA HIS B 74 -8.32 -9.53 -3.83
C HIS B 74 -8.23 -9.24 -2.34
N SER B 75 -7.43 -10.03 -1.64
CA SER B 75 -7.06 -9.73 -0.25
C SER B 75 -5.81 -10.53 0.10
N MET B 76 -5.08 -10.07 1.12
CA MET B 76 -3.83 -10.75 1.49
C MET B 76 -4.05 -11.86 2.52
N ILE B 77 -5.30 -12.28 2.70
CA ILE B 77 -5.58 -13.35 3.67
C ILE B 77 -4.57 -14.53 3.64
N LEU B 78 -4.29 -15.05 2.45
CA LEU B 78 -3.44 -16.23 2.36
C LEU B 78 -2.00 -15.87 2.75
N HIS B 79 -1.58 -14.68 2.37
CA HIS B 79 -0.24 -14.22 2.72
C HIS B 79 -0.11 -13.91 4.21
N LYS B 80 -1.21 -13.51 4.85
CA LYS B 80 -1.21 -13.31 6.30
C LYS B 80 -0.92 -14.63 7.00
N GLN B 81 -1.58 -15.70 6.55
CA GLN B 81 -1.41 -17.00 7.16
C GLN B 81 0.02 -17.48 6.95
N LEU B 82 0.58 -17.13 5.80
CA LEU B 82 1.94 -17.53 5.51
C LEU B 82 2.94 -16.77 6.38
N ALA B 83 2.61 -15.52 6.71
CA ALA B 83 3.45 -14.74 7.61
C ALA B 83 3.43 -15.34 9.02
N ILE B 84 2.26 -15.81 9.45
CA ILE B 84 2.18 -16.54 10.72
C ILE B 84 3.02 -17.82 10.67
N ALA B 85 3.04 -18.47 9.51
CA ALA B 85 3.80 -19.70 9.32
C ALA B 85 5.31 -19.45 9.35
N MET B 86 5.73 -18.26 8.96
CA MET B 86 7.13 -17.85 9.07
C MET B 86 7.50 -17.43 10.48
N GLY B 87 6.53 -17.47 11.39
CA GLY B 87 6.80 -17.20 12.80
C GLY B 87 6.83 -15.74 13.21
N LEU B 88 6.09 -14.92 12.48
CA LEU B 88 6.06 -13.49 12.78
C LEU B 88 5.06 -13.10 13.88
N GLU B 89 4.29 -14.09 14.35
CA GLU B 89 3.49 -13.96 15.60
C GLU B 89 2.26 -13.06 15.52
N LYS B 90 2.49 -11.77 15.30
CA LYS B 90 1.43 -10.79 15.20
C LYS B 90 1.84 -9.81 14.12
N ILE B 91 1.01 -9.68 13.09
CA ILE B 91 1.36 -8.86 11.94
C ILE B 91 0.20 -8.00 11.50
N PHE B 92 0.52 -6.83 10.92
CA PHE B 92 -0.52 -6.07 10.25
C PHE B 92 0.06 -5.43 9.00
N VAL B 93 -0.81 -5.04 8.08
CA VAL B 93 -0.34 -4.38 6.87
C VAL B 93 -1.43 -3.45 6.35
N LEU B 94 -1.03 -2.30 5.84
CA LEU B 94 -1.95 -1.43 5.09
C LEU B 94 -1.99 -1.95 3.65
N SER B 95 -2.99 -2.79 3.37
CA SER B 95 -3.03 -3.59 2.15
C SER B 95 -4.07 -3.09 1.15
N PRO B 96 -3.62 -2.59 -0.03
CA PRO B 96 -4.58 -2.25 -1.08
C PRO B 96 -5.17 -3.51 -1.67
N ASN B 97 -6.46 -3.44 -1.99
CA ASN B 97 -7.22 -4.54 -2.56
C ASN B 97 -7.79 -4.07 -3.87
N ILE B 98 -7.91 -4.99 -4.83
CA ILE B 98 -8.55 -4.69 -6.11
C ILE B 98 -9.72 -5.64 -6.25
N ARG B 99 -10.93 -5.11 -6.29
CA ARG B 99 -12.11 -5.96 -6.40
C ARG B 99 -13.06 -5.35 -7.41
N LEU B 100 -13.14 -5.95 -8.58
CA LEU B 100 -13.83 -5.36 -9.72
C LEU B 100 -15.28 -5.80 -9.72
N GLU B 101 -16.02 -5.31 -8.74
CA GLU B 101 -17.44 -5.64 -8.61
C GLU B 101 -18.28 -4.77 -9.54
N SER B 102 -19.52 -5.21 -9.81
CA SER B 102 -20.37 -4.53 -10.79
C SER B 102 -21.05 -3.28 -10.21
N ARG B 103 -21.74 -2.55 -11.09
CA ARG B 103 -22.48 -1.33 -10.72
C ARG B 103 -23.46 -1.60 -9.59
N ARG B 104 -23.91 -2.84 -9.48
CA ARG B 104 -24.89 -3.21 -8.45
C ARG B 104 -24.35 -2.96 -7.05
N LYS B 105 -23.04 -3.05 -6.91
CA LYS B 105 -22.38 -2.86 -5.62
C LYS B 105 -22.03 -1.41 -5.33
N ASP B 106 -22.44 -0.50 -6.23
CA ASP B 106 -22.20 0.91 -5.97
C ASP B 106 -23.26 1.46 -5.02
N ASP B 107 -23.07 1.16 -3.73
CA ASP B 107 -24.06 1.44 -2.70
C ASP B 107 -23.63 2.57 -1.76
N GLY B 108 -22.45 3.12 -1.99
CA GLY B 108 -21.96 4.20 -1.15
C GLY B 108 -20.82 3.80 -0.22
N ARG B 109 -20.63 2.50 -0.01
CA ARG B 109 -19.52 2.07 0.84
C ARG B 109 -18.49 1.21 0.11
N HIS B 110 -18.83 0.81 -1.12
CA HIS B 110 -17.93 0.01 -1.95
C HIS B 110 -17.07 0.87 -2.88
N SER B 111 -15.87 0.37 -3.14
CA SER B 111 -14.91 1.01 -4.01
C SER B 111 -14.14 -0.13 -4.67
N TYR B 112 -13.79 0.00 -5.95
CA TYR B 112 -13.08 -1.10 -6.59
C TYR B 112 -11.58 -1.18 -6.25
N GLU B 113 -11.05 -0.08 -5.72
CA GLU B 113 -9.75 -0.07 -5.05
C GLU B 113 -9.97 0.49 -3.67
N PHE B 114 -9.34 -0.11 -2.67
CA PHE B 114 -9.40 0.43 -1.31
C PHE B 114 -8.32 -0.22 -0.47
N THR B 115 -8.11 0.29 0.74
CA THR B 115 -7.13 -0.27 1.65
C THR B 115 -7.81 -0.85 2.90
N GLN B 116 -7.52 -2.12 3.19
CA GLN B 116 -7.64 -2.63 4.54
C GLN B 116 -6.37 -2.51 5.38
N LEU B 117 -6.52 -2.07 6.63
CA LEU B 117 -5.58 -2.50 7.65
C LEU B 117 -5.79 -3.97 8.00
N ASP B 118 -4.87 -4.81 7.57
CA ASP B 118 -5.05 -6.26 7.64
C ASP B 118 -4.06 -6.89 8.60
N PHE B 119 -4.58 -7.55 9.65
CA PHE B 119 -3.76 -8.00 10.76
C PHE B 119 -4.11 -9.45 11.14
N GLU B 120 -3.14 -10.15 11.68
CA GLU B 120 -3.32 -11.56 12.04
C GLU B 120 -2.52 -11.93 13.27
N ILE B 121 -3.05 -12.86 14.07
CA ILE B 121 -2.46 -13.18 15.37
C ILE B 121 -2.40 -14.69 15.56
N GLU B 122 -1.19 -15.21 15.70
CA GLU B 122 -1.00 -16.64 15.92
C GLU B 122 -1.71 -17.05 17.21
N GLY B 123 -2.47 -18.14 17.15
CA GLY B 123 -3.10 -18.69 18.33
C GLY B 123 -4.33 -17.96 18.87
N ALA B 124 -4.71 -16.86 18.23
CA ALA B 124 -5.84 -16.06 18.71
C ALA B 124 -7.17 -16.76 18.45
N LYS B 125 -8.16 -16.47 19.28
CA LYS B 125 -9.51 -17.01 19.08
C LYS B 125 -10.45 -15.85 18.73
N MET B 126 -11.64 -16.17 18.22
CA MET B 126 -12.54 -15.11 17.77
C MET B 126 -12.78 -14.05 18.85
N LYS B 127 -13.00 -14.47 20.10
CA LYS B 127 -13.27 -13.53 21.18
C LYS B 127 -12.11 -12.56 21.46
N ASP B 128 -10.88 -13.02 21.24
CA ASP B 128 -9.70 -12.19 21.42
C ASP B 128 -9.65 -11.06 20.39
N VAL B 129 -9.97 -11.41 19.14
CA VAL B 129 -9.89 -10.44 18.07
C VAL B 129 -11.05 -9.45 18.16
N MET B 130 -12.24 -9.96 18.43
CA MET B 130 -13.39 -9.06 18.60
C MET B 130 -13.13 -8.08 19.74
N ARG B 131 -12.59 -8.56 20.86
CA ARG B 131 -12.28 -7.69 21.98
C ARG B 131 -11.27 -6.63 21.58
N LEU B 132 -10.25 -7.04 20.83
CA LEU B 132 -9.24 -6.12 20.31
C LEU B 132 -9.83 -5.04 19.41
N ILE B 133 -10.71 -5.44 18.50
CA ILE B 133 -11.30 -4.48 17.57
C ILE B 133 -12.21 -3.51 18.35
N GLU B 134 -12.92 -4.03 19.35
CA GLU B 134 -13.75 -3.17 20.20
C GLU B 134 -12.91 -2.10 20.88
N GLU B 135 -11.74 -2.48 21.35
CA GLU B 135 -10.86 -1.55 22.05
C GLU B 135 -10.35 -0.48 21.09
N LEU B 136 -10.01 -0.92 19.88
CA LEU B 136 -9.54 0.00 18.85
C LEU B 136 -10.63 1.02 18.50
N ILE B 137 -11.83 0.54 18.23
CA ILE B 137 -12.95 1.40 17.87
C ILE B 137 -13.32 2.38 18.97
N TYR B 138 -13.40 1.88 20.21
CA TYR B 138 -13.72 2.75 21.33
C TYR B 138 -12.71 3.89 21.42
N GLY B 139 -11.44 3.56 21.38
CA GLY B 139 -10.39 4.56 21.44
C GLY B 139 -10.49 5.57 20.31
N LEU B 140 -10.77 5.08 19.10
CA LEU B 140 -10.91 5.91 17.93
C LEU B 140 -12.09 6.87 18.03
N PHE B 141 -13.24 6.36 18.47
CA PHE B 141 -14.44 7.18 18.64
C PHE B 141 -14.26 8.28 19.68
N ARG B 142 -13.55 7.97 20.76
CA ARG B 142 -13.22 9.00 21.75
C ARG B 142 -12.27 10.07 21.18
N LYS B 143 -11.22 9.67 20.47
CA LYS B 143 -10.38 10.66 19.80
C LYS B 143 -11.19 11.47 18.79
N ALA B 144 -12.03 10.79 18.02
CA ALA B 144 -12.80 11.48 16.97
C ALA B 144 -13.70 12.58 17.54
N GLU B 145 -14.16 12.40 18.78
CA GLU B 145 -14.95 13.44 19.42
C GLU B 145 -14.09 14.69 19.64
N GLU B 146 -12.82 14.47 20.00
CA GLU B 146 -11.91 15.59 20.21
C GLU B 146 -11.58 16.29 18.89
N TRP B 147 -11.46 15.51 17.82
CA TRP B 147 -11.08 16.05 16.51
C TRP B 147 -12.21 16.84 15.87
N THR B 148 -13.44 16.35 16.02
CA THR B 148 -14.57 16.90 15.28
C THR B 148 -15.49 17.74 16.14
N GLY B 149 -15.46 17.54 17.45
CA GLY B 149 -16.35 18.23 18.35
C GLY B 149 -17.76 17.67 18.35
N ARG B 150 -17.96 16.57 17.64
CA ARG B 150 -19.26 15.91 17.57
C ARG B 150 -19.24 14.62 18.38
N GLU B 151 -20.42 14.07 18.64
CA GLU B 151 -20.58 12.89 19.48
C GLU B 151 -20.62 11.60 18.66
N PHE B 152 -19.91 10.57 19.13
CA PHE B 152 -19.88 9.27 18.46
C PHE B 152 -20.38 8.20 19.41
N PRO B 153 -20.71 7.01 18.89
CA PRO B 153 -21.26 5.91 19.70
C PRO B 153 -20.40 5.59 20.92
N ARG B 154 -21.05 5.25 22.03
CA ARG B 154 -20.37 5.01 23.30
C ARG B 154 -19.32 3.91 23.21
N ALA B 155 -19.61 2.89 22.40
CA ALA B 155 -18.58 1.95 21.95
C ALA B 155 -17.93 1.10 23.03
N ARG B 156 -18.68 0.72 24.06
CA ARG B 156 -18.09 -0.15 25.08
C ARG B 156 -18.73 -1.53 25.03
N HIS B 157 -20.00 -1.56 24.63
CA HIS B 157 -20.73 -2.81 24.50
C HIS B 157 -21.15 -3.01 23.05
N PHE B 158 -20.61 -4.03 22.38
CA PHE B 158 -21.11 -4.38 21.05
C PHE B 158 -22.00 -5.64 21.05
N LYS B 159 -23.27 -5.47 20.73
CA LYS B 159 -24.17 -6.62 20.69
C LYS B 159 -23.72 -7.62 19.64
N VAL B 160 -23.89 -8.91 19.95
CA VAL B 160 -23.56 -9.95 18.99
C VAL B 160 -24.81 -10.62 18.43
N TYR B 161 -24.92 -10.64 17.10
CA TYR B 161 -26.00 -11.34 16.41
C TYR B 161 -25.42 -12.49 15.61
N ASP B 162 -26.10 -13.64 15.66
CA ASP B 162 -25.80 -14.72 14.74
C ASP B 162 -26.34 -14.35 13.35
N TYR B 163 -25.63 -14.75 12.30
CA TYR B 163 -26.04 -14.46 10.93
C TYR B 163 -27.52 -14.78 10.70
N LYS B 164 -27.94 -15.98 11.09
CA LYS B 164 -29.30 -16.43 10.80
C LYS B 164 -30.34 -15.56 11.50
N ASP B 165 -29.98 -15.03 12.66
CA ASP B 165 -30.88 -14.16 13.40
C ASP B 165 -30.99 -12.78 12.75
N ILE B 166 -29.91 -12.34 12.11
CA ILE B 166 -29.96 -11.13 11.30
C ILE B 166 -30.93 -11.33 10.15
N LEU B 167 -30.84 -12.47 9.48
CA LEU B 167 -31.74 -12.74 8.36
C LEU B 167 -33.19 -12.74 8.84
N GLU B 168 -33.42 -13.28 10.03
CA GLU B 168 -34.78 -13.42 10.55
C GLU B 168 -35.40 -12.07 10.93
N GLU B 169 -34.64 -11.22 11.60
CA GLU B 169 -35.19 -10.00 12.21
C GLU B 169 -35.21 -8.81 11.28
N PHE B 170 -34.22 -8.72 10.40
CA PHE B 170 -34.05 -7.57 9.51
C PHE B 170 -34.08 -7.93 8.03
N GLY B 171 -33.75 -9.18 7.72
CA GLY B 171 -33.77 -9.64 6.34
C GLY B 171 -32.41 -9.61 5.66
N SER B 172 -31.56 -8.68 6.08
CA SER B 172 -30.23 -8.56 5.51
C SER B 172 -29.35 -7.67 6.37
N ASP B 173 -28.04 -7.74 6.16
CA ASP B 173 -27.10 -6.95 6.96
C ASP B 173 -27.26 -5.45 6.76
N GLU B 174 -27.63 -5.04 5.55
CA GLU B 174 -27.80 -3.63 5.24
C GLU B 174 -28.95 -3.02 6.05
N LYS B 175 -30.06 -3.74 6.14
CA LYS B 175 -31.24 -3.26 6.84
C LYS B 175 -31.01 -3.21 8.35
N ALA B 176 -30.26 -4.18 8.86
CA ALA B 176 -29.86 -4.14 10.26
C ALA B 176 -29.04 -2.88 10.52
N SER B 177 -28.11 -2.57 9.63
CA SER B 177 -27.29 -1.37 9.80
C SER B 177 -28.17 -0.12 9.92
N MET B 178 -29.18 -0.01 9.05
CA MET B 178 -30.05 1.17 9.06
C MET B 178 -30.79 1.34 10.38
N GLU B 179 -30.99 0.25 11.11
CA GLU B 179 -31.82 0.27 12.31
C GLU B 179 -31.08 0.48 13.64
N MET B 180 -29.75 0.40 13.61
CA MET B 180 -28.95 0.49 14.83
C MET B 180 -28.36 1.87 15.09
N GLU B 181 -28.05 2.16 16.34
CA GLU B 181 -27.38 3.40 16.71
C GLU B 181 -26.00 3.13 17.28
N GLU B 182 -25.69 1.85 17.47
CA GLU B 182 -24.39 1.42 17.96
C GLU B 182 -23.78 0.40 16.99
N PRO B 183 -22.45 0.38 16.90
CA PRO B 183 -21.81 -0.68 16.12
C PRO B 183 -22.20 -2.03 16.71
N PHE B 184 -22.30 -3.05 15.88
CA PHE B 184 -22.68 -4.39 16.35
C PHE B 184 -21.99 -5.48 15.54
N TRP B 185 -21.94 -6.68 16.09
CA TRP B 185 -21.28 -7.80 15.42
C TRP B 185 -22.29 -8.73 14.75
N ILE B 186 -21.90 -9.27 13.61
CA ILE B 186 -22.59 -10.40 13.00
C ILE B 186 -21.61 -11.57 12.92
N VAL B 187 -22.00 -12.73 13.46
CA VAL B 187 -21.08 -13.87 13.53
C VAL B 187 -21.65 -15.13 12.86
N ASN B 188 -20.79 -16.11 12.66
CA ASN B 188 -21.23 -17.41 12.16
C ASN B 188 -21.78 -17.30 10.74
N ILE B 189 -20.91 -16.88 9.83
CA ILE B 189 -21.26 -16.63 8.44
C ILE B 189 -20.52 -17.60 7.54
N PRO B 190 -21.26 -18.49 6.85
CA PRO B 190 -20.61 -19.43 5.93
C PRO B 190 -19.98 -18.69 4.75
N ARG B 191 -18.67 -18.80 4.59
CA ARG B 191 -18.00 -18.16 3.44
C ARG B 191 -16.71 -18.89 2.99
N GLU B 192 -15.62 -18.16 2.82
CA GLU B 192 -14.42 -18.71 2.21
C GLU B 192 -13.80 -19.87 3.00
N PHE B 193 -13.01 -20.70 2.32
CA PHE B 193 -12.40 -21.87 2.93
C PHE B 193 -11.49 -21.56 4.11
N TYR B 194 -10.93 -20.36 4.14
CA TYR B 194 -9.94 -20.03 5.17
C TYR B 194 -10.53 -19.75 6.54
N ASP B 195 -11.82 -19.41 6.61
CA ASP B 195 -12.45 -19.17 7.91
C ASP B 195 -12.71 -20.51 8.60
N ARG B 196 -12.47 -20.57 9.91
CA ARG B 196 -12.61 -21.83 10.63
C ARG B 196 -14.08 -22.24 10.80
N GLU B 197 -14.36 -23.49 10.47
CA GLU B 197 -15.68 -24.08 10.67
C GLU B 197 -15.56 -25.33 11.54
N GLU B 198 -16.39 -25.42 12.57
CA GLU B 198 -16.37 -26.54 13.51
C GLU B 198 -17.80 -26.94 13.83
N ASN B 199 -18.19 -28.16 13.42
CA ASN B 199 -19.53 -28.66 13.71
C ASN B 199 -20.63 -27.76 13.14
N GLY B 200 -20.39 -27.23 11.95
CA GLY B 200 -21.38 -26.37 11.31
C GLY B 200 -21.41 -24.96 11.86
N VAL B 201 -20.49 -24.65 12.78
CA VAL B 201 -20.39 -23.29 13.32
C VAL B 201 -19.14 -22.61 12.79
N TRP B 202 -19.31 -21.46 12.12
CA TRP B 202 -18.19 -20.70 11.57
C TRP B 202 -17.68 -19.69 12.59
N LYS B 203 -16.37 -19.72 12.84
CA LYS B 203 -15.76 -18.88 13.89
C LYS B 203 -15.31 -17.54 13.31
N ASN B 204 -16.27 -16.79 12.79
CA ASN B 204 -15.93 -15.55 12.14
C ASN B 204 -16.89 -14.41 12.55
N TYR B 205 -16.63 -13.22 12.03
CA TYR B 205 -17.23 -12.03 12.60
C TYR B 205 -17.11 -10.83 11.66
N ASP B 206 -18.21 -10.08 11.52
CA ASP B 206 -18.22 -8.83 10.77
C ASP B 206 -18.61 -7.73 11.73
N LEU B 207 -17.87 -6.64 11.76
CA LEU B 207 -18.30 -5.46 12.52
C LEU B 207 -19.09 -4.52 11.64
N ILE B 208 -20.32 -4.21 12.06
CA ILE B 208 -21.25 -3.39 11.28
C ILE B 208 -21.45 -2.03 11.92
N LEU B 209 -21.29 -0.97 11.13
CA LEU B 209 -21.51 0.37 11.63
C LEU B 209 -23.02 0.67 11.66
N PRO B 210 -23.44 1.59 12.54
CA PRO B 210 -24.85 1.99 12.63
C PRO B 210 -25.24 3.00 11.56
N TYR B 211 -26.48 3.45 11.63
CA TYR B 211 -27.00 4.48 10.73
C TYR B 211 -26.84 4.13 9.25
N GLY B 212 -26.82 2.84 8.94
CA GLY B 212 -26.75 2.40 7.55
C GLY B 212 -25.37 2.43 6.91
N TYR B 213 -24.34 2.73 7.69
CA TYR B 213 -23.00 2.83 7.11
C TYR B 213 -22.42 1.46 6.71
N GLY B 214 -22.94 0.39 7.30
CA GLY B 214 -22.57 -0.96 6.86
C GLY B 214 -21.29 -1.52 7.41
N GLU B 215 -20.87 -2.67 6.88
CA GLU B 215 -19.69 -3.40 7.38
C GLU B 215 -18.45 -2.53 7.32
N VAL B 216 -17.61 -2.60 8.36
CA VAL B 216 -16.36 -1.87 8.37
C VAL B 216 -15.17 -2.80 8.66
N SER B 217 -15.44 -4.00 9.16
CA SER B 217 -14.37 -4.96 9.44
C SER B 217 -14.88 -6.40 9.33
N SER B 218 -14.04 -7.32 8.89
CA SER B 218 -14.43 -8.72 8.81
C SER B 218 -13.22 -9.58 9.12
N GLY B 219 -13.44 -10.70 9.79
CA GLY B 219 -12.35 -11.60 10.11
C GLY B 219 -12.81 -12.95 10.62
N GLY B 220 -11.86 -13.77 11.04
CA GLY B 220 -12.18 -15.05 11.64
C GLY B 220 -10.97 -15.78 12.17
N GLU B 221 -11.23 -16.85 12.93
CA GLU B 221 -10.23 -17.87 13.19
C GLU B 221 -10.02 -18.60 11.88
N ARG B 222 -8.87 -19.25 11.71
CA ARG B 222 -8.56 -19.84 10.40
C ARG B 222 -8.50 -21.37 10.41
N GLU B 223 -8.74 -21.97 9.24
CA GLU B 223 -8.45 -23.37 9.01
C GLU B 223 -6.96 -23.44 8.77
N TRP B 224 -6.31 -24.50 9.25
CA TRP B 224 -4.87 -24.68 9.02
C TRP B 224 -4.53 -26.10 8.56
N GLU B 225 -5.49 -27.01 8.69
CA GLU B 225 -5.26 -28.41 8.34
C GLU B 225 -5.58 -28.67 6.87
N TYR B 226 -4.62 -29.27 6.15
CA TYR B 226 -4.74 -29.51 4.72
C TYR B 226 -6.04 -30.21 4.31
N GLU B 227 -6.37 -31.30 4.98
CA GLU B 227 -7.56 -32.06 4.65
C GLU B 227 -8.82 -31.21 4.74
N LYS B 228 -8.93 -30.42 5.81
CA LYS B 228 -10.12 -29.61 6.00
C LYS B 228 -10.21 -28.52 4.93
N ILE B 229 -9.08 -27.89 4.65
CA ILE B 229 -9.02 -26.83 3.65
C ILE B 229 -9.42 -27.35 2.26
N VAL B 230 -8.83 -28.48 1.86
CA VAL B 230 -9.04 -29.00 0.51
C VAL B 230 -10.50 -29.37 0.26
N ALA B 231 -11.11 -30.00 1.26
CA ALA B 231 -12.50 -30.39 1.18
C ALA B 231 -13.41 -29.19 0.88
N LYS B 232 -13.17 -28.09 1.59
CA LYS B 232 -13.98 -26.88 1.43
C LYS B 232 -13.79 -26.24 0.05
N ILE B 233 -12.55 -26.25 -0.43
CA ILE B 233 -12.27 -25.75 -1.77
C ILE B 233 -13.02 -26.58 -2.80
N ARG B 234 -12.85 -27.90 -2.74
CA ARG B 234 -13.47 -28.79 -3.70
C ARG B 234 -14.99 -28.71 -3.68
N ALA B 235 -15.56 -28.57 -2.49
CA ALA B 235 -17.01 -28.51 -2.32
C ALA B 235 -17.60 -27.23 -2.90
N ALA B 236 -16.82 -26.16 -2.88
CA ALA B 236 -17.26 -24.87 -3.40
C ALA B 236 -17.07 -24.77 -4.91
N GLY B 237 -16.40 -25.76 -5.50
CA GLY B 237 -16.20 -25.79 -6.94
C GLY B 237 -15.00 -24.99 -7.38
N LEU B 238 -14.18 -24.57 -6.42
CA LEU B 238 -12.95 -23.87 -6.75
C LEU B 238 -11.89 -24.89 -7.15
N LYS B 239 -10.92 -24.46 -7.94
CA LYS B 239 -9.85 -25.34 -8.40
C LYS B 239 -8.65 -25.35 -7.47
N GLU B 240 -8.23 -26.53 -7.04
CA GLU B 240 -7.07 -26.67 -6.18
C GLU B 240 -5.86 -26.01 -6.79
N ASP B 241 -5.70 -26.14 -8.09
CA ASP B 241 -4.54 -25.55 -8.78
C ASP B 241 -4.41 -24.04 -8.55
N SER B 242 -5.54 -23.37 -8.30
CA SER B 242 -5.54 -21.94 -8.03
C SER B 242 -4.83 -21.57 -6.74
N PHE B 243 -4.57 -22.57 -5.89
CA PHE B 243 -3.97 -22.32 -4.58
C PHE B 243 -2.75 -23.20 -4.33
N ARG B 244 -2.13 -23.66 -5.42
CA ARG B 244 -1.11 -24.70 -5.34
C ARG B 244 -0.02 -24.50 -4.27
N PRO B 245 0.68 -23.36 -4.28
CA PRO B 245 1.77 -23.18 -3.31
C PRO B 245 1.29 -23.10 -1.86
N TYR B 246 0.10 -22.54 -1.65
CA TYR B 246 -0.50 -22.47 -0.33
C TYR B 246 -0.80 -23.87 0.17
N LEU B 247 -1.37 -24.68 -0.69
CA LEU B 247 -1.74 -26.06 -0.33
C LEU B 247 -0.50 -26.91 -0.07
N GLU B 248 0.62 -26.61 -0.74
CA GLU B 248 1.87 -27.32 -0.49
C GLU B 248 2.32 -27.07 0.94
N ILE B 249 2.25 -25.81 1.35
CA ILE B 249 2.63 -25.42 2.70
C ILE B 249 1.66 -26.03 3.72
N ALA B 250 0.38 -26.06 3.39
CA ALA B 250 -0.63 -26.75 4.19
C ALA B 250 -0.28 -28.23 4.34
N ARG B 251 0.07 -28.87 3.23
CA ARG B 251 0.43 -30.30 3.24
C ARG B 251 1.66 -30.57 4.10
N ALA B 252 2.61 -29.64 4.08
CA ALA B 252 3.86 -29.80 4.82
C ALA B 252 3.61 -29.63 6.33
N GLY B 253 2.40 -29.20 6.68
CA GLY B 253 2.01 -29.06 8.07
C GLY B 253 2.53 -27.79 8.69
N LYS B 254 2.72 -26.78 7.86
CA LYS B 254 3.36 -25.52 8.28
C LYS B 254 2.39 -24.37 8.65
N LEU B 255 1.12 -24.49 8.30
CA LEU B 255 0.14 -23.50 8.74
C LEU B 255 -0.13 -23.66 10.23
N LYS B 256 -0.35 -22.54 10.92
CA LYS B 256 -0.60 -22.58 12.36
C LYS B 256 -1.99 -22.01 12.64
N PRO B 257 -2.61 -22.46 13.73
CA PRO B 257 -3.86 -21.85 14.15
C PRO B 257 -3.68 -20.34 14.34
N SER B 258 -4.63 -19.56 13.83
CA SER B 258 -4.56 -18.11 14.01
C SER B 258 -5.92 -17.48 13.84
N ALA B 259 -5.99 -16.17 14.07
CA ALA B 259 -7.20 -15.39 13.85
C ALA B 259 -6.82 -13.96 13.53
N GLY B 260 -7.65 -13.29 12.74
CA GLY B 260 -7.42 -11.89 12.44
C GLY B 260 -8.64 -11.24 11.82
N ALA B 261 -8.41 -10.13 11.14
CA ALA B 261 -9.46 -9.32 10.56
C ALA B 261 -8.84 -8.27 9.65
N GLY B 262 -9.67 -7.69 8.80
CA GLY B 262 -9.29 -6.53 8.03
C GLY B 262 -10.23 -5.40 8.42
N ILE B 263 -9.73 -4.18 8.45
CA ILE B 263 -10.52 -2.99 8.74
C ILE B 263 -10.43 -2.03 7.56
N GLY B 264 -11.58 -1.67 7.00
CA GLY B 264 -11.63 -0.82 5.81
C GLY B 264 -11.36 0.62 6.19
N VAL B 265 -10.18 1.12 5.83
CA VAL B 265 -9.77 2.46 6.28
C VAL B 265 -10.68 3.57 5.75
N GLU B 266 -10.93 3.56 4.44
CA GLU B 266 -11.80 4.57 3.84
C GLU B 266 -13.22 4.54 4.43
N ARG B 267 -13.72 3.35 4.73
CA ARG B 267 -15.04 3.23 5.35
C ARG B 267 -15.07 3.93 6.71
N LEU B 268 -13.96 3.86 7.45
CA LEU B 268 -13.91 4.57 8.72
C LEU B 268 -13.83 6.07 8.53
N VAL B 269 -13.04 6.51 7.55
CA VAL B 269 -12.94 7.93 7.28
C VAL B 269 -14.33 8.45 6.94
N ARG B 270 -15.04 7.69 6.11
CA ARG B 270 -16.40 8.05 5.71
C ARG B 270 -17.33 8.23 6.91
N PHE B 271 -17.30 7.26 7.83
CA PHE B 271 -18.15 7.31 9.01
C PHE B 271 -17.87 8.54 9.87
N ILE B 272 -16.58 8.81 10.10
CA ILE B 272 -16.18 9.89 10.99
C ILE B 272 -16.46 11.26 10.39
N VAL B 273 -16.22 11.40 9.09
CA VAL B 273 -16.51 12.63 8.36
C VAL B 273 -18.01 12.78 8.16
N GLY B 274 -18.72 11.66 8.12
CA GLY B 274 -20.15 11.66 7.90
C GLY B 274 -20.54 11.78 6.44
N ALA B 275 -19.71 11.25 5.55
CA ALA B 275 -19.96 11.40 4.11
C ALA B 275 -20.98 10.38 3.60
N LYS B 276 -21.89 10.82 2.74
CA LYS B 276 -22.92 9.94 2.21
C LYS B 276 -22.32 8.90 1.27
N HIS B 277 -21.34 9.29 0.47
CA HIS B 277 -20.70 8.35 -0.45
C HIS B 277 -19.21 8.30 -0.23
N ILE B 278 -18.66 7.11 -0.20
CA ILE B 278 -17.23 6.92 0.08
C ILE B 278 -16.31 7.62 -0.93
N ALA B 279 -16.84 7.93 -2.11
CA ALA B 279 -16.06 8.63 -3.12
C ALA B 279 -15.68 10.02 -2.63
N GLU B 280 -16.48 10.57 -1.73
CA GLU B 280 -16.23 11.91 -1.22
C GLU B 280 -14.96 12.00 -0.36
N VAL B 281 -14.47 10.86 0.12
CA VAL B 281 -13.26 10.87 0.94
C VAL B 281 -12.03 10.32 0.23
N GLN B 282 -12.16 10.10 -1.08
CA GLN B 282 -11.02 9.64 -1.86
C GLN B 282 -10.60 10.68 -2.91
N PRO B 283 -9.32 11.07 -2.89
CA PRO B 283 -8.82 12.01 -3.91
C PRO B 283 -9.10 11.50 -5.32
N PHE B 284 -9.01 10.19 -5.52
CA PHE B 284 -9.20 9.60 -6.84
C PHE B 284 -10.23 8.48 -6.74
N PRO B 285 -11.50 8.81 -6.98
CA PRO B 285 -12.59 7.85 -6.78
C PRO B 285 -12.44 6.59 -7.61
N ARG B 286 -12.94 5.48 -7.08
CA ARG B 286 -12.85 4.19 -7.73
C ARG B 286 -14.22 3.50 -7.57
N VAL B 287 -15.21 4.05 -8.27
CA VAL B 287 -16.61 3.67 -8.08
C VAL B 287 -16.96 2.39 -8.86
N PRO B 288 -17.58 1.40 -8.17
CA PRO B 288 -17.84 0.13 -8.86
C PRO B 288 -18.64 0.31 -10.15
N GLY B 289 -18.14 -0.26 -11.24
CA GLY B 289 -18.79 -0.17 -12.52
C GLY B 289 -18.37 1.04 -13.33
N ILE B 290 -17.60 1.93 -12.72
CA ILE B 290 -17.18 3.15 -13.41
C ILE B 290 -15.67 3.23 -13.48
N PRO B 291 -15.08 2.91 -14.65
CA PRO B 291 -13.63 3.00 -14.77
C PRO B 291 -13.16 4.43 -14.49
N ALA B 292 -12.19 4.57 -13.60
CA ALA B 292 -11.75 5.89 -13.17
C ALA B 292 -11.08 6.64 -14.32
N VAL B 293 -11.32 7.94 -14.43
CA VAL B 293 -10.63 8.72 -15.46
C VAL B 293 -9.19 9.05 -15.05
N ILE B 294 -8.95 9.08 -13.74
CA ILE B 294 -7.60 9.27 -13.17
C ILE B 294 -7.43 8.44 -11.91
#